data_8T6I
#
_entry.id   8T6I
#
_cell.length_a   54.481
_cell.length_b   74.189
_cell.length_c   218.423
_cell.angle_alpha   90.00
_cell.angle_beta   90.00
_cell.angle_gamma   90.00
#
_symmetry.space_group_name_H-M   'P 21 21 21'
#
loop_
_entity.id
_entity.type
_entity.pdbx_description
1 polymer 'VHH domain'
2 polymer 'Fab light chain'
3 polymer 'Fab heavy chain'
4 non-polymer GLYCEROL
5 water water
#
loop_
_entity_poly.entity_id
_entity_poly.type
_entity_poly.pdbx_seq_one_letter_code
_entity_poly.pdbx_strand_id
1 'polypeptide(L)'
;GSQRQLVESGGGLVQPGGSLRLSCAASGSTDSIEYMTWFRQAPGKEREGVAALYTHTGNTYYADSVKGRFIISRDKAKNM
VYLQMNSLEPEDTAVYYCGATRKYVPVRFALDQSSYDYWGKGTPVTVSS
;
A
2 'polypeptide(L)'
;SDIQMTQSPSSLSASVGDRVTITCRASQSVSSAVAWYQQKPGKAPKLLIYSASSLYSGVPSRFSGSRSGTDFTLTISSLQ
PEDFATYYCQQSSSSLITFGQGTKVEIKRTVAAPSVFIFPPSDSQLKSGTASVVCLLNNFYPREAKVQWKVDNALQSGNS
QESVTEQDSKDSTYSLSSTLTLSKADYEKHKVYACEVTQGTTSVTKSFNRGEC
;
L
3 'polypeptide(L)'
;EISEVQLVESGGGLVQPGGSLRLSCAASGFNFSYYSIHWVRQAPGKGLEWVAYISSSSSYTSYADSVKGRFTISADTSKN
TAYLQMNSLRAEDTAVYYCARGYQYWQYHASWYWNGGLDYWGQGTLVTVSSASTKGPSVFPLAPSSKSTSGGTAALGCLV
KDYFPEPVTVSWNSGALTSGVHTFPAVLQSSGLYSLSSVVTVPSSSLGTQTYICNVNHKPSNTKVDKKVEPKSCDKTHT
;
H
#
# COMPACT_ATOMS: atom_id res chain seq x y z
N GLN A 3 -12.70 22.67 34.12
CA GLN A 3 -12.70 22.28 32.69
C GLN A 3 -13.44 20.96 32.52
N ARG A 4 -14.70 21.02 32.06
CA ARG A 4 -15.53 19.80 31.86
C ARG A 4 -14.75 18.79 31.01
N GLN A 5 -14.56 17.57 31.53
CA GLN A 5 -13.83 16.53 30.82
C GLN A 5 -14.20 15.15 31.38
N LEU A 6 -13.89 14.13 30.58
CA LEU A 6 -14.22 12.73 30.86
C LEU A 6 -12.97 11.87 30.75
N VAL A 7 -12.91 10.81 31.56
CA VAL A 7 -11.75 9.93 31.61
C VAL A 7 -12.16 8.46 31.76
N GLU A 8 -11.95 7.66 30.71
CA GLU A 8 -12.14 6.21 30.74
C GLU A 8 -10.95 5.54 31.46
N SER A 9 -11.15 4.27 31.80
CA SER A 9 -10.08 3.42 32.31
C SER A 9 -10.64 2.02 32.46
N GLY A 10 -9.74 1.04 32.54
CA GLY A 10 -10.12 -0.34 32.81
C GLY A 10 -10.03 -1.29 31.65
N GLY A 11 -9.55 -0.85 30.49
CA GLY A 11 -9.38 -1.76 29.39
C GLY A 11 -8.10 -2.57 29.53
N GLY A 12 -8.10 -3.72 28.88
CA GLY A 12 -6.92 -4.55 28.79
C GLY A 12 -7.15 -5.63 27.76
N LEU A 13 -6.31 -6.67 27.84
CA LEU A 13 -6.48 -7.81 26.95
C LEU A 13 -7.25 -8.90 27.69
N VAL A 14 -8.04 -9.67 26.95
CA VAL A 14 -9.01 -10.61 27.52
C VAL A 14 -9.17 -11.79 26.57
N GLN A 15 -9.21 -13.00 27.12
CA GLN A 15 -9.51 -14.17 26.31
C GLN A 15 -11.00 -14.22 25.97
N PRO A 16 -11.37 -14.83 24.87
CA PRO A 16 -12.80 -14.93 24.53
C PRO A 16 -13.56 -15.62 25.66
N GLY A 17 -14.74 -15.09 25.95
CA GLY A 17 -15.53 -15.55 27.06
C GLY A 17 -15.26 -14.86 28.37
N GLY A 18 -14.12 -14.18 28.50
CA GLY A 18 -13.81 -13.45 29.69
C GLY A 18 -14.61 -12.16 29.78
N SER A 19 -14.25 -11.35 30.76
CA SER A 19 -15.04 -10.18 31.09
C SER A 19 -14.13 -9.09 31.66
N LEU A 20 -14.66 -7.87 31.70
CA LEU A 20 -13.87 -6.69 31.99
C LEU A 20 -14.84 -5.59 32.40
N ARG A 21 -14.35 -4.62 33.16
CA ARG A 21 -15.21 -3.55 33.65
C ARG A 21 -14.54 -2.20 33.43
N LEU A 22 -15.15 -1.35 32.60
CA LEU A 22 -14.65 -0.01 32.34
C LEU A 22 -15.33 1.02 33.25
N SER A 23 -14.61 2.11 33.51
CA SER A 23 -15.10 3.18 34.36
C SER A 23 -14.81 4.51 33.69
N CYS A 24 -15.77 5.43 33.77
CA CYS A 24 -15.63 6.77 33.24
C CYS A 24 -15.97 7.76 34.34
N ALA A 25 -15.12 8.77 34.50
CA ALA A 25 -15.27 9.76 35.56
C ALA A 25 -15.38 11.16 34.95
N ALA A 26 -16.43 11.88 35.33
CA ALA A 26 -16.64 13.24 34.84
C ALA A 26 -16.22 14.27 35.88
N SER A 27 -16.03 15.50 35.41
CA SER A 27 -15.66 16.63 36.25
C SER A 27 -16.71 17.72 36.12
N GLY A 28 -16.33 18.98 36.28
CA GLY A 28 -17.32 20.05 36.27
C GLY A 28 -18.42 19.75 37.27
N SER A 29 -19.64 20.15 36.94
CA SER A 29 -20.79 19.83 37.78
C SER A 29 -21.73 18.93 36.98
N THR A 30 -22.20 17.88 37.65
CA THR A 30 -22.61 16.65 36.98
C THR A 30 -24.11 16.43 36.96
N ASP A 31 -24.93 17.27 37.58
CA ASP A 31 -26.35 16.98 37.53
C ASP A 31 -26.99 17.62 36.30
N SER A 32 -26.29 18.55 35.65
CA SER A 32 -26.78 19.11 34.41
C SER A 32 -26.76 18.12 33.25
N ILE A 33 -25.86 17.12 33.28
CA ILE A 33 -25.82 16.10 32.24
C ILE A 33 -27.13 15.36 32.22
N GLU A 34 -27.54 14.92 31.03
CA GLU A 34 -28.72 14.07 30.99
C GLU A 34 -28.51 12.73 30.30
N TYR A 35 -27.41 12.54 29.57
CA TYR A 35 -27.03 11.19 29.14
C TYR A 35 -25.55 10.95 29.38
N MET A 36 -25.24 9.77 29.89
CA MET A 36 -23.91 9.19 29.86
C MET A 36 -23.98 7.96 28.99
N THR A 37 -23.04 7.79 28.07
CA THR A 37 -23.10 6.59 27.24
C THR A 37 -21.72 6.09 26.87
N TRP A 38 -21.65 4.80 26.56
CA TRP A 38 -20.44 4.15 26.10
C TRP A 38 -20.56 3.87 24.61
N PHE A 39 -19.53 4.30 23.89
CA PHE A 39 -19.37 4.07 22.46
C PHE A 39 -18.10 3.25 22.27
N ARG A 40 -17.96 2.64 21.10
CA ARG A 40 -16.72 1.94 20.82
C ARG A 40 -16.35 2.12 19.36
N GLN A 41 -15.05 2.09 19.07
CA GLN A 41 -14.53 2.31 17.71
C GLN A 41 -13.39 1.36 17.39
N ALA A 42 -13.55 0.57 16.34
CA ALA A 42 -12.61 -0.45 15.91
C ALA A 42 -11.97 -0.06 14.58
N PRO A 43 -10.79 -0.59 14.25
CA PRO A 43 -10.10 -0.14 13.03
C PRO A 43 -10.99 -0.33 11.82
N GLY A 44 -11.13 0.73 11.03
CA GLY A 44 -11.90 0.68 9.81
C GLY A 44 -13.39 0.69 9.99
N LYS A 45 -13.90 0.95 11.20
CA LYS A 45 -15.33 0.88 11.45
C LYS A 45 -15.83 2.12 12.18
N GLU A 46 -17.11 2.41 12.01
CA GLU A 46 -17.65 3.59 12.61
C GLU A 46 -17.77 3.44 14.13
N ARG A 47 -17.65 4.56 14.82
CA ARG A 47 -17.85 4.61 16.26
C ARG A 47 -19.32 4.32 16.55
N GLU A 48 -19.61 3.30 17.36
CA GLU A 48 -20.98 2.82 17.50
C GLU A 48 -21.42 2.89 18.96
N GLY A 49 -22.64 3.39 19.16
CA GLY A 49 -23.25 3.43 20.47
C GLY A 49 -23.45 2.05 21.03
N VAL A 50 -23.01 1.83 22.26
CA VAL A 50 -23.15 0.53 22.88
C VAL A 50 -24.17 0.53 24.01
N ALA A 51 -24.30 1.63 24.75
CA ALA A 51 -25.03 1.60 26.02
C ALA A 51 -25.23 3.02 26.55
N ALA A 52 -26.47 3.49 26.59
CA ALA A 52 -26.77 4.83 27.08
C ALA A 52 -27.53 4.78 28.40
N LEU A 53 -27.29 5.79 29.24
CA LEU A 53 -27.91 5.91 30.55
C LEU A 53 -28.54 7.29 30.67
N TYR A 54 -29.86 7.33 30.80
CA TYR A 54 -30.57 8.57 31.08
C TYR A 54 -30.37 8.93 32.55
N THR A 55 -29.71 10.06 32.80
CA THR A 55 -29.21 10.33 34.15
C THR A 55 -30.33 10.44 35.16
N HIS A 56 -31.47 11.03 34.78
CA HIS A 56 -32.44 11.47 35.75
C HIS A 56 -33.58 10.49 35.99
N THR A 57 -33.65 9.39 35.24
CA THR A 57 -34.49 8.28 35.60
C THR A 57 -33.73 6.97 35.64
N GLY A 58 -32.44 6.97 35.27
CA GLY A 58 -31.67 5.74 35.24
C GLY A 58 -32.03 4.77 34.15
N ASN A 59 -32.83 5.15 33.16
CA ASN A 59 -33.14 4.21 32.08
C ASN A 59 -31.92 3.99 31.19
N THR A 60 -31.79 2.76 30.71
CA THR A 60 -30.64 2.32 29.94
C THR A 60 -31.11 1.79 28.60
N TYR A 61 -30.23 1.92 27.60
CA TYR A 61 -30.54 1.60 26.21
C TYR A 61 -29.32 0.90 25.63
N TYR A 62 -29.55 -0.27 25.06
CA TYR A 62 -28.45 -1.14 24.64
C TYR A 62 -28.54 -1.43 23.15
N ALA A 63 -27.39 -1.37 22.50
CA ALA A 63 -27.26 -1.84 21.13
C ALA A 63 -27.52 -3.34 21.08
N ASP A 64 -28.26 -3.78 20.06
CA ASP A 64 -28.58 -5.20 19.93
C ASP A 64 -27.35 -6.11 20.00
N SER A 65 -26.17 -5.61 19.65
CA SER A 65 -25.02 -6.50 19.65
C SER A 65 -24.43 -6.73 21.04
N VAL A 66 -24.87 -5.99 22.05
CA VAL A 66 -24.34 -6.16 23.39
C VAL A 66 -25.41 -6.49 24.43
N LYS A 67 -26.68 -6.63 24.03
CA LYS A 67 -27.76 -6.89 24.97
C LYS A 67 -27.42 -8.07 25.87
N GLY A 68 -27.65 -7.89 27.17
CA GLY A 68 -27.50 -8.96 28.13
C GLY A 68 -26.08 -9.30 28.52
N ARG A 69 -25.11 -8.97 27.67
CA ARG A 69 -23.71 -9.13 28.03
C ARG A 69 -23.14 -7.90 28.72
N PHE A 70 -23.60 -6.71 28.35
CA PHE A 70 -23.05 -5.46 28.87
C PHE A 70 -24.07 -4.77 29.76
N ILE A 71 -23.55 -4.03 30.75
CA ILE A 71 -24.39 -3.33 31.72
C ILE A 71 -23.77 -1.96 31.97
N ILE A 72 -24.52 -0.91 31.72
CA ILE A 72 -24.09 0.44 32.06
C ILE A 72 -24.80 0.87 33.34
N SER A 73 -24.04 1.40 34.31
CA SER A 73 -24.58 1.77 35.60
C SER A 73 -23.81 2.99 36.11
N ARG A 74 -24.32 3.59 37.20
CA ARG A 74 -23.86 4.90 37.65
C ARG A 74 -23.52 4.84 39.14
N ASP A 75 -23.03 5.98 39.64
CA ASP A 75 -22.81 6.22 41.07
C ASP A 75 -22.76 7.73 41.24
N LYS A 76 -23.94 8.34 41.52
CA LYS A 76 -24.01 9.78 41.70
C LYS A 76 -23.14 10.23 42.86
N ALA A 77 -22.98 9.39 43.89
CA ALA A 77 -22.04 9.68 44.96
C ALA A 77 -20.66 10.06 44.43
N LYS A 78 -20.30 9.55 43.24
CA LYS A 78 -18.96 9.77 42.67
C LYS A 78 -18.90 10.36 41.27
N ASN A 79 -20.03 10.59 40.59
CA ASN A 79 -20.11 10.80 39.14
C ASN A 79 -19.17 9.87 38.35
N MET A 80 -19.35 8.57 38.57
CA MET A 80 -18.67 7.52 37.83
C MET A 80 -19.72 6.65 37.14
N VAL A 81 -19.57 6.47 35.83
CA VAL A 81 -20.38 5.51 35.10
C VAL A 81 -19.50 4.32 34.78
N TYR A 82 -20.12 3.15 34.64
CA TYR A 82 -19.40 1.90 34.52
C TYR A 82 -20.00 1.11 33.38
N LEU A 83 -19.18 0.21 32.83
CA LEU A 83 -19.63 -0.67 31.75
C LEU A 83 -19.12 -2.05 32.08
N GLN A 84 -19.98 -2.86 32.66
CA GLN A 84 -19.67 -4.24 32.92
C GLN A 84 -19.80 -5.01 31.62
N MET A 85 -18.69 -5.57 31.14
CA MET A 85 -18.67 -6.29 29.88
C MET A 85 -18.41 -7.75 30.17
N ASN A 86 -19.40 -8.59 29.85
CA ASN A 86 -19.35 -10.02 30.10
C ASN A 86 -19.36 -10.77 28.77
N SER A 87 -18.84 -12.00 28.80
CA SER A 87 -18.87 -12.87 27.63
C SER A 87 -18.17 -12.23 26.43
N LEU A 88 -17.07 -11.53 26.69
CA LEU A 88 -16.38 -10.83 25.62
C LEU A 88 -15.96 -11.78 24.51
N GLU A 89 -16.06 -11.32 23.27
CA GLU A 89 -15.66 -12.06 22.08
C GLU A 89 -14.82 -11.17 21.18
N PRO A 90 -14.03 -11.75 20.26
CA PRO A 90 -13.07 -10.91 19.51
C PRO A 90 -13.72 -9.74 18.81
N GLU A 91 -14.95 -9.89 18.30
CA GLU A 91 -15.63 -8.78 17.64
C GLU A 91 -15.91 -7.61 18.59
N ASP A 92 -15.67 -7.76 19.89
CA ASP A 92 -15.78 -6.64 20.82
C ASP A 92 -14.49 -5.84 20.91
N THR A 93 -13.44 -6.27 20.23
CA THR A 93 -12.17 -5.56 20.25
C THR A 93 -12.34 -4.17 19.65
N ALA A 94 -11.96 -3.15 20.42
CA ALA A 94 -12.15 -1.75 20.03
C ALA A 94 -11.61 -0.83 21.12
N VAL A 95 -11.49 0.44 20.78
CA VAL A 95 -11.29 1.49 21.78
C VAL A 95 -12.67 1.88 22.30
N TYR A 96 -12.83 1.88 23.62
CA TYR A 96 -14.11 2.17 24.26
C TYR A 96 -14.08 3.60 24.80
N TYR A 97 -15.07 4.39 24.39
CA TYR A 97 -15.16 5.80 24.76
C TYR A 97 -16.39 6.07 25.62
N CYS A 98 -16.28 7.12 26.44
CA CYS A 98 -17.38 7.58 27.27
C CYS A 98 -17.73 9.00 26.84
N GLY A 99 -19.01 9.22 26.53
CA GLY A 99 -19.47 10.52 26.09
C GLY A 99 -20.61 11.04 26.94
N ALA A 100 -20.72 12.37 26.99
CA ALA A 100 -21.71 13.04 27.82
C ALA A 100 -22.40 14.14 27.03
N THR A 101 -23.68 14.33 27.32
CA THR A 101 -24.43 15.45 26.81
C THR A 101 -25.21 16.06 27.97
N ARG A 102 -25.47 17.35 27.86
CA ARG A 102 -26.31 18.02 28.84
C ARG A 102 -27.52 18.67 28.22
N LYS A 103 -27.61 18.71 26.90
CA LYS A 103 -28.85 19.04 26.22
C LYS A 103 -29.69 17.80 26.00
N TYR A 104 -30.99 17.92 26.29
CA TYR A 104 -31.89 16.77 26.13
C TYR A 104 -32.04 16.42 24.67
N VAL A 105 -31.96 15.13 24.37
CA VAL A 105 -32.33 14.60 23.06
C VAL A 105 -33.32 13.47 23.28
N PRO A 106 -34.30 13.28 22.38
CA PRO A 106 -35.20 12.15 22.50
C PRO A 106 -34.47 10.80 22.49
N VAL A 107 -35.00 9.85 23.30
CA VAL A 107 -34.25 8.62 23.63
C VAL A 107 -33.93 7.79 22.39
N ARG A 108 -34.68 7.94 21.31
CA ARG A 108 -34.34 7.16 20.13
C ARG A 108 -32.99 7.57 19.58
N PHE A 109 -32.49 8.75 19.97
CA PHE A 109 -31.19 9.20 19.53
C PHE A 109 -30.11 8.99 20.60
N ALA A 110 -30.39 8.20 21.64
CA ALA A 110 -29.44 8.09 22.74
C ALA A 110 -28.16 7.36 22.35
N LEU A 111 -28.23 6.47 21.37
CA LEU A 111 -27.09 5.68 20.93
C LEU A 111 -26.45 6.27 19.68
N ASP A 112 -26.69 7.56 19.40
CA ASP A 112 -26.17 8.21 18.19
C ASP A 112 -24.97 9.07 18.54
N GLN A 113 -23.90 8.85 17.78
CA GLN A 113 -22.67 9.64 17.95
C GLN A 113 -22.95 11.13 17.96
N SER A 114 -23.86 11.59 17.11
CA SER A 114 -24.04 13.02 16.96
C SER A 114 -24.68 13.68 18.17
N SER A 115 -25.28 12.90 19.08
CA SER A 115 -26.01 13.46 20.20
C SER A 115 -25.11 13.89 21.35
N TYR A 116 -23.79 13.77 21.23
CA TYR A 116 -22.93 13.90 22.39
C TYR A 116 -21.92 15.02 22.17
N ASP A 117 -21.91 15.98 23.09
CA ASP A 117 -21.04 17.14 22.93
C ASP A 117 -19.60 16.79 23.27
N TYR A 118 -19.34 16.09 24.37
CA TYR A 118 -17.95 15.81 24.68
C TYR A 118 -17.67 14.36 25.05
N TRP A 119 -16.39 14.01 24.97
CA TRP A 119 -15.90 12.64 24.88
C TRP A 119 -14.58 12.50 25.63
N GLY A 120 -14.36 11.32 26.22
CA GLY A 120 -13.04 10.96 26.68
C GLY A 120 -12.08 10.55 25.55
N LYS A 121 -10.82 10.32 25.91
CA LYS A 121 -9.85 9.87 24.91
C LYS A 121 -9.98 8.38 24.59
N GLY A 122 -10.65 7.61 25.45
CA GLY A 122 -10.92 6.21 25.23
C GLY A 122 -9.98 5.31 26.01
N THR A 123 -10.43 4.08 26.26
CA THR A 123 -9.58 3.03 26.83
C THR A 123 -9.65 1.77 25.94
N PRO A 124 -8.51 1.25 25.49
CA PRO A 124 -8.52 0.14 24.54
C PRO A 124 -8.88 -1.20 25.15
N VAL A 125 -9.64 -2.00 24.39
CA VAL A 125 -9.97 -3.37 24.76
C VAL A 125 -9.59 -4.31 23.63
N THR A 126 -8.72 -5.29 23.92
CA THR A 126 -8.40 -6.36 22.99
C THR A 126 -8.88 -7.70 23.53
N VAL A 127 -9.77 -8.35 22.79
CA VAL A 127 -10.29 -9.68 23.10
C VAL A 127 -9.68 -10.67 22.13
N SER A 128 -8.78 -11.53 22.59
CA SER A 128 -8.15 -12.43 21.64
C SER A 128 -7.65 -13.69 22.33
N SER A 129 -7.81 -14.82 21.66
CA SER A 129 -7.13 -16.06 22.08
C SER A 129 -5.61 -15.93 22.06
N MET B 5 13.46 -2.52 13.08
CA MET B 5 12.91 -3.79 13.57
C MET B 5 13.17 -4.92 12.62
N THR B 6 13.91 -5.93 13.08
CA THR B 6 14.27 -7.05 12.23
C THR B 6 13.09 -8.03 12.17
N GLN B 7 12.50 -8.14 10.99
CA GLN B 7 11.68 -9.29 10.63
C GLN B 7 12.64 -10.36 10.09
N SER B 8 12.35 -11.63 10.40
CA SER B 8 13.47 -12.56 10.29
C SER B 8 13.57 -13.20 8.91
N PRO B 9 12.53 -13.86 8.38
CA PRO B 9 12.61 -14.25 6.96
C PRO B 9 12.60 -12.96 6.15
N SER B 10 13.77 -12.50 5.70
CA SER B 10 13.83 -11.30 4.86
C SER B 10 13.14 -11.55 3.52
N SER B 11 13.14 -12.79 3.07
CA SER B 11 12.52 -13.12 1.80
C SER B 11 12.15 -14.58 1.93
N LEU B 12 11.28 -15.03 1.04
CA LEU B 12 10.64 -16.28 1.35
C LEU B 12 9.96 -16.82 0.11
N SER B 13 10.03 -18.13 -0.07
CA SER B 13 9.48 -18.78 -1.24
C SER B 13 8.78 -20.03 -0.79
N ALA B 14 7.50 -20.18 -1.15
CA ALA B 14 6.71 -21.31 -0.68
C ALA B 14 5.56 -21.57 -1.64
N SER B 15 5.01 -22.77 -1.56
CA SER B 15 4.04 -23.26 -2.53
C SER B 15 2.61 -22.93 -2.09
N VAL B 16 1.70 -22.94 -3.07
CA VAL B 16 0.28 -22.75 -2.77
C VAL B 16 -0.17 -23.78 -1.75
N GLY B 17 -1.05 -23.36 -0.84
CA GLY B 17 -1.53 -24.22 0.22
C GLY B 17 -0.64 -24.30 1.43
N ASP B 18 0.63 -23.90 1.31
CA ASP B 18 1.56 -24.00 2.43
C ASP B 18 1.18 -23.06 3.56
N ARG B 19 1.75 -23.31 4.73
CA ARG B 19 1.58 -22.46 5.90
C ARG B 19 2.87 -21.69 6.11
N VAL B 20 2.77 -20.37 6.20
CA VAL B 20 3.93 -19.48 6.21
C VAL B 20 3.96 -18.67 7.50
N THR B 21 5.14 -18.49 8.06
CA THR B 21 5.28 -17.76 9.32
C THR B 21 6.45 -16.80 9.30
N ILE B 22 6.14 -15.51 9.46
CA ILE B 22 7.10 -14.43 9.54
C ILE B 22 7.19 -13.97 10.99
N THR B 23 8.41 -13.69 11.45
CA THR B 23 8.64 -13.21 12.80
C THR B 23 9.08 -11.75 12.81
N CYS B 24 8.71 -11.04 13.87
CA CYS B 24 8.98 -9.62 14.04
C CYS B 24 9.42 -9.43 15.48
N ARG B 25 10.58 -8.82 15.69
CA ARG B 25 11.06 -8.59 17.05
C ARG B 25 10.89 -7.14 17.46
N ALA B 26 10.37 -6.92 18.66
CA ALA B 26 10.35 -5.57 19.24
C ALA B 26 11.75 -4.99 19.29
N SER B 27 11.86 -3.71 18.95
CA SER B 27 13.16 -3.06 19.02
C SER B 27 13.46 -2.52 20.42
N GLN B 28 12.54 -1.71 20.95
CA GLN B 28 12.65 -1.18 22.31
C GLN B 28 12.63 -2.29 23.35
N SER B 29 12.68 -1.92 24.62
CA SER B 29 12.39 -2.87 25.68
C SER B 29 10.98 -2.70 26.25
N VAL B 30 10.33 -1.56 26.00
CA VAL B 30 8.92 -1.38 26.36
C VAL B 30 8.08 -1.94 25.21
N SER B 31 7.61 -3.18 25.37
CA SER B 31 6.87 -3.88 24.33
C SER B 31 5.71 -3.04 23.80
N SER B 32 5.43 -3.22 22.51
CA SER B 32 4.40 -2.51 21.79
C SER B 32 3.71 -3.50 20.88
N ALA B 33 2.39 -3.60 21.00
CA ALA B 33 1.64 -4.52 20.16
C ALA B 33 1.86 -4.16 18.70
N VAL B 34 1.88 -5.16 17.86
CA VAL B 34 2.35 -5.04 16.49
C VAL B 34 1.16 -5.03 15.55
N ALA B 35 1.19 -4.16 14.55
CA ALA B 35 0.34 -4.26 13.37
C ALA B 35 1.12 -4.86 12.21
N TRP B 36 0.41 -5.54 11.30
CA TRP B 36 0.98 -6.16 10.11
C TRP B 36 0.25 -5.68 8.87
N TYR B 37 1.01 -5.35 7.81
CA TYR B 37 0.42 -4.90 6.56
C TYR B 37 0.92 -5.72 5.38
N GLN B 38 0.05 -5.83 4.37
CA GLN B 38 0.41 -6.40 3.08
C GLN B 38 0.65 -5.27 2.10
N GLN B 39 1.72 -5.36 1.32
CA GLN B 39 1.95 -4.41 0.22
C GLN B 39 2.36 -5.17 -1.03
N LYS B 40 1.58 -5.00 -2.06
CA LYS B 40 1.83 -5.41 -3.42
C LYS B 40 2.67 -4.35 -4.14
N PRO B 41 3.54 -4.80 -5.09
CA PRO B 41 4.50 -3.91 -5.76
C PRO B 41 3.98 -2.53 -6.16
N GLY B 42 4.55 -1.50 -5.53
CA GLY B 42 4.15 -0.13 -5.83
C GLY B 42 2.68 0.14 -5.71
N LYS B 43 2.00 -0.49 -4.74
CA LYS B 43 0.65 -0.09 -4.40
C LYS B 43 0.60 0.25 -2.92
N ALA B 44 -0.46 0.94 -2.51
CA ALA B 44 -0.58 1.34 -1.11
C ALA B 44 -0.72 0.10 -0.26
N PRO B 45 0.01 0.00 0.85
CA PRO B 45 -0.08 -1.21 1.66
C PRO B 45 -1.42 -1.27 2.37
N LYS B 46 -1.85 -2.50 2.66
CA LYS B 46 -3.13 -2.77 3.28
C LYS B 46 -2.93 -3.40 4.65
N LEU B 47 -3.70 -2.92 5.64
CA LEU B 47 -3.68 -3.46 7.00
C LEU B 47 -4.27 -4.88 7.02
N LEU B 48 -3.64 -5.76 7.82
CA LEU B 48 -4.09 -7.15 7.97
C LEU B 48 -4.44 -7.50 9.42
N ILE B 49 -3.48 -7.35 10.33
CA ILE B 49 -3.60 -7.71 11.74
C ILE B 49 -3.27 -6.46 12.53
N TYR B 50 -4.06 -6.19 13.57
CA TYR B 50 -3.73 -5.12 14.47
C TYR B 50 -3.81 -5.66 15.89
N SER B 51 -3.25 -4.89 16.83
CA SER B 51 -3.22 -5.24 18.25
C SER B 51 -2.74 -6.68 18.45
N ALA B 52 -1.72 -7.05 17.69
CA ALA B 52 -0.98 -8.31 17.73
C ALA B 52 -1.77 -9.44 17.09
N SER B 53 -3.06 -9.56 17.41
CA SER B 53 -3.74 -10.78 16.97
C SER B 53 -5.13 -10.52 16.42
N SER B 54 -5.55 -9.27 16.23
CA SER B 54 -6.91 -8.97 15.80
C SER B 54 -6.97 -8.88 14.29
N LEU B 55 -7.84 -9.66 13.70
CA LEU B 55 -7.95 -9.69 12.25
C LEU B 55 -8.73 -8.46 11.79
N TYR B 56 -8.10 -7.63 10.96
CA TYR B 56 -8.76 -6.44 10.44
C TYR B 56 -9.94 -6.84 9.56
N SER B 57 -10.98 -6.02 9.62
CA SER B 57 -12.24 -6.29 8.94
C SER B 57 -12.05 -6.42 7.44
N GLY B 58 -12.61 -7.49 6.89
CA GLY B 58 -12.51 -7.75 5.48
C GLY B 58 -11.36 -8.67 5.09
N VAL B 59 -10.36 -8.80 5.95
CA VAL B 59 -9.18 -9.60 5.64
C VAL B 59 -9.53 -11.08 5.78
N PRO B 60 -9.21 -11.92 4.80
CA PRO B 60 -9.61 -13.33 4.88
C PRO B 60 -9.02 -14.01 6.11
N SER B 61 -9.69 -15.09 6.53
CA SER B 61 -9.37 -15.73 7.79
C SER B 61 -8.04 -16.45 7.76
N ARG B 62 -7.49 -16.74 6.57
CA ARG B 62 -6.21 -17.44 6.49
C ARG B 62 -5.07 -16.63 7.13
N PHE B 63 -5.25 -15.32 7.34
CA PHE B 63 -4.26 -14.52 8.04
C PHE B 63 -4.52 -14.54 9.55
N SER B 64 -3.44 -14.54 10.33
CA SER B 64 -3.54 -14.51 11.77
C SER B 64 -2.21 -14.05 12.34
N GLY B 65 -2.26 -13.44 13.52
CA GLY B 65 -1.08 -13.02 14.21
C GLY B 65 -1.16 -13.45 15.67
N SER B 66 0.02 -13.54 16.29
CA SER B 66 0.08 -13.78 17.73
C SER B 66 1.49 -13.44 18.21
N ARG B 67 1.75 -13.78 19.45
CA ARG B 67 3.05 -13.58 20.07
C ARG B 67 3.79 -14.90 20.13
N SER B 68 5.09 -14.82 20.03
CA SER B 68 5.97 -15.94 20.30
C SER B 68 7.00 -15.38 21.28
N GLY B 69 6.99 -15.88 22.50
CA GLY B 69 7.78 -15.26 23.54
C GLY B 69 7.62 -13.75 23.55
N THR B 70 8.74 -13.05 23.40
CA THR B 70 8.75 -11.60 23.42
C THR B 70 8.65 -10.99 22.02
N ASP B 71 8.49 -11.81 20.99
CA ASP B 71 8.31 -11.38 19.61
C ASP B 71 6.90 -11.73 19.10
N PHE B 72 6.64 -11.36 17.85
CA PHE B 72 5.33 -11.46 17.22
C PHE B 72 5.46 -12.24 15.91
N THR B 73 4.39 -12.92 15.51
CA THR B 73 4.41 -13.65 14.28
C THR B 73 3.17 -13.36 13.45
N LEU B 74 3.32 -13.53 12.14
CA LEU B 74 2.23 -13.45 11.19
C LEU B 74 2.16 -14.79 10.47
N THR B 75 0.94 -15.32 10.31
CA THR B 75 0.77 -16.62 9.72
C THR B 75 -0.29 -16.58 8.65
N ILE B 76 0.05 -17.09 7.47
CA ILE B 76 -0.91 -17.40 6.43
C ILE B 76 -1.10 -18.91 6.46
N SER B 77 -2.30 -19.34 6.81
CA SER B 77 -2.50 -20.76 7.07
C SER B 77 -2.52 -21.57 5.77
N SER B 78 -2.96 -20.99 4.67
CA SER B 78 -3.03 -21.70 3.39
C SER B 78 -2.62 -20.73 2.27
N LEU B 79 -1.33 -20.69 1.97
CA LEU B 79 -0.78 -19.72 1.04
C LEU B 79 -1.53 -19.76 -0.29
N GLN B 80 -1.89 -18.60 -0.79
CA GLN B 80 -2.69 -18.54 -1.99
C GLN B 80 -2.00 -17.67 -3.03
N PRO B 81 -2.29 -17.87 -4.31
CA PRO B 81 -1.46 -17.22 -5.35
C PRO B 81 -1.51 -15.70 -5.27
N GLU B 82 -2.65 -15.13 -4.87
CA GLU B 82 -2.71 -13.69 -4.72
C GLU B 82 -1.89 -13.16 -3.54
N ASP B 83 -1.24 -14.03 -2.76
CA ASP B 83 -0.62 -13.58 -1.52
C ASP B 83 0.84 -13.14 -1.68
N PHE B 84 1.41 -13.22 -2.87
CA PHE B 84 2.76 -12.71 -3.05
C PHE B 84 2.76 -11.22 -2.78
N ALA B 85 3.69 -10.76 -1.93
CA ALA B 85 3.68 -9.39 -1.46
C ALA B 85 4.88 -9.16 -0.56
N THR B 86 5.11 -7.93 -0.14
CA THR B 86 6.01 -7.66 0.97
C THR B 86 5.15 -7.36 2.19
N TYR B 87 5.55 -7.91 3.33
CA TYR B 87 4.75 -7.92 4.55
C TYR B 87 5.53 -7.18 5.64
N TYR B 88 4.91 -6.14 6.19
CA TYR B 88 5.56 -5.24 7.13
C TYR B 88 4.90 -5.34 8.51
N CYS B 89 5.73 -5.36 9.54
CA CYS B 89 5.25 -5.21 10.90
C CYS B 89 5.48 -3.77 11.37
N GLN B 90 4.69 -3.36 12.35
CA GLN B 90 4.62 -1.93 12.67
C GLN B 90 4.43 -1.75 14.18
N GLN B 91 5.09 -0.74 14.71
CA GLN B 91 5.13 -0.52 16.14
C GLN B 91 5.07 0.97 16.43
N SER B 92 4.83 1.27 17.68
CA SER B 92 4.83 2.61 18.22
C SER B 92 5.83 2.60 19.37
N SER B 93 6.68 3.61 19.45
CA SER B 93 7.52 3.67 20.64
C SER B 93 6.91 4.70 21.56
N SER B 94 7.12 5.97 21.23
CA SER B 94 6.59 7.01 22.11
C SER B 94 6.40 8.28 21.33
N SER B 95 5.32 8.35 20.56
CA SER B 95 5.06 9.32 19.50
C SER B 95 5.86 9.02 18.23
N LEU B 96 6.63 7.93 18.17
CA LEU B 96 7.29 7.51 16.95
C LEU B 96 6.68 6.20 16.51
N ILE B 97 6.35 6.11 15.23
CA ILE B 97 5.92 4.88 14.60
C ILE B 97 7.08 4.36 13.76
N THR B 98 7.39 3.09 13.90
CA THR B 98 8.43 2.51 13.05
C THR B 98 7.91 1.22 12.43
N PHE B 99 8.24 1.03 11.17
CA PHE B 99 8.01 -0.21 10.44
C PHE B 99 9.25 -1.09 10.44
N GLY B 100 9.06 -2.38 10.19
CA GLY B 100 10.16 -3.31 10.04
C GLY B 100 10.68 -3.32 8.62
N GLN B 101 11.72 -4.14 8.41
CA GLN B 101 12.44 -4.11 7.15
C GLN B 101 11.61 -4.66 6.00
N GLY B 102 10.57 -5.43 6.28
CA GLY B 102 9.76 -6.07 5.27
C GLY B 102 10.19 -7.52 5.03
N THR B 103 9.26 -8.31 4.52
CA THR B 103 9.49 -9.72 4.22
C THR B 103 8.85 -9.98 2.87
N LYS B 104 9.64 -10.39 1.87
CA LYS B 104 9.11 -10.59 0.53
C LYS B 104 8.67 -12.04 0.40
N VAL B 105 7.49 -12.26 -0.15
CA VAL B 105 6.86 -13.56 -0.16
C VAL B 105 6.58 -13.95 -1.61
N GLU B 106 7.29 -14.97 -2.09
CA GLU B 106 7.20 -15.45 -3.45
C GLU B 106 6.51 -16.81 -3.47
N ILE B 107 5.59 -16.99 -4.42
CA ILE B 107 4.96 -18.30 -4.60
C ILE B 107 5.91 -19.24 -5.35
N LYS B 108 6.04 -20.46 -4.85
CA LYS B 108 6.76 -21.52 -5.54
C LYS B 108 5.77 -22.38 -6.33
N ARG B 109 6.19 -22.85 -7.51
CA ARG B 109 5.32 -23.64 -8.36
C ARG B 109 6.15 -24.44 -9.35
N THR B 110 5.46 -25.13 -10.27
CA THR B 110 6.18 -26.00 -11.20
C THR B 110 6.87 -25.18 -12.30
N VAL B 111 7.94 -25.75 -12.84
CA VAL B 111 8.67 -25.12 -13.92
C VAL B 111 7.75 -24.85 -15.11
N ALA B 112 7.97 -23.72 -15.77
CA ALA B 112 7.25 -23.37 -16.99
C ALA B 112 8.21 -22.66 -17.97
N ALA B 113 8.14 -23.07 -19.25
CA ALA B 113 9.08 -22.47 -20.18
C ALA B 113 8.45 -21.25 -20.85
N PRO B 114 9.25 -20.25 -21.22
CA PRO B 114 8.68 -19.05 -21.82
C PRO B 114 8.36 -19.25 -23.29
N SER B 115 7.42 -18.46 -23.78
CA SER B 115 7.29 -18.23 -25.20
C SER B 115 8.18 -17.06 -25.56
N VAL B 116 9.15 -17.29 -26.44
CA VAL B 116 10.16 -16.30 -26.77
C VAL B 116 9.77 -15.58 -28.06
N PHE B 117 9.78 -14.24 -28.00
CA PHE B 117 9.52 -13.40 -29.16
C PHE B 117 10.67 -12.42 -29.32
N ILE B 118 11.08 -12.18 -30.56
CA ILE B 118 12.08 -11.18 -30.86
C ILE B 118 11.43 -10.13 -31.76
N PHE B 119 11.70 -8.87 -31.47
CA PHE B 119 11.12 -7.75 -32.21
C PHE B 119 12.22 -6.94 -32.87
N PRO B 120 12.19 -6.76 -34.18
CA PRO B 120 13.17 -5.89 -34.85
C PRO B 120 12.96 -4.45 -34.41
N PRO B 121 13.95 -3.58 -34.59
CA PRO B 121 13.73 -2.17 -34.30
C PRO B 121 12.81 -1.57 -35.36
N SER B 122 11.94 -0.67 -34.94
CA SER B 122 10.97 -0.06 -35.83
C SER B 122 11.64 0.82 -36.88
N ASP B 123 10.90 1.11 -37.94
CA ASP B 123 11.42 2.02 -38.96
C ASP B 123 11.53 3.44 -38.43
N SER B 124 10.58 3.89 -37.62
CA SER B 124 10.60 5.27 -37.18
C SER B 124 11.66 5.50 -36.09
N GLN B 125 11.98 4.47 -35.31
CA GLN B 125 13.09 4.59 -34.36
C GLN B 125 14.42 4.70 -35.10
N LEU B 126 14.60 3.88 -36.14
CA LEU B 126 15.85 3.89 -36.90
C LEU B 126 16.11 5.24 -37.53
N LYS B 127 15.05 5.95 -37.93
CA LYS B 127 15.21 7.26 -38.56
C LYS B 127 15.96 8.23 -37.66
N SER B 128 16.00 7.97 -36.36
CA SER B 128 16.60 8.86 -35.37
C SER B 128 17.93 8.35 -34.83
N GLY B 129 18.56 7.39 -35.50
CA GLY B 129 19.94 7.07 -35.22
C GLY B 129 20.21 5.94 -34.24
N THR B 130 19.19 5.33 -33.65
CA THR B 130 19.42 4.29 -32.65
C THR B 130 18.51 3.11 -32.92
N ALA B 131 19.00 1.91 -32.58
CA ALA B 131 18.26 0.66 -32.77
C ALA B 131 18.05 -0.05 -31.43
N SER B 132 16.80 -0.20 -31.02
CA SER B 132 16.43 -1.02 -29.85
C SER B 132 15.85 -2.34 -30.35
N VAL B 133 16.56 -3.44 -30.10
CA VAL B 133 15.99 -4.78 -30.30
C VAL B 133 15.49 -5.34 -28.97
N VAL B 134 14.29 -5.90 -28.96
CA VAL B 134 13.72 -6.37 -27.70
C VAL B 134 13.32 -7.84 -27.80
N CYS B 135 13.68 -8.59 -26.78
CA CYS B 135 13.43 -10.01 -26.64
C CYS B 135 12.38 -10.17 -25.54
N LEU B 136 11.34 -10.98 -25.78
CA LEU B 136 10.27 -11.14 -24.82
C LEU B 136 10.19 -12.58 -24.33
N LEU B 137 10.23 -12.76 -23.02
CA LEU B 137 10.06 -14.06 -22.37
C LEU B 137 8.72 -14.03 -21.64
N ASN B 138 7.74 -14.76 -22.16
CA ASN B 138 6.37 -14.68 -21.65
C ASN B 138 6.02 -15.88 -20.77
N ASN B 139 5.53 -15.59 -19.57
CA ASN B 139 4.86 -16.54 -18.66
C ASN B 139 5.74 -17.73 -18.33
N PHE B 140 6.87 -17.47 -17.67
CA PHE B 140 7.77 -18.55 -17.28
C PHE B 140 7.97 -18.57 -15.78
N TYR B 141 8.58 -19.66 -15.31
CA TYR B 141 8.94 -19.87 -13.91
C TYR B 141 10.04 -20.92 -13.92
N PRO B 142 11.07 -20.80 -13.07
CA PRO B 142 11.31 -19.72 -12.12
C PRO B 142 11.85 -18.48 -12.85
N ARG B 143 12.13 -17.38 -12.14
CA ARG B 143 12.45 -16.15 -12.84
C ARG B 143 13.89 -16.13 -13.33
N GLU B 144 14.78 -16.88 -12.69
CA GLU B 144 16.16 -16.93 -13.15
C GLU B 144 16.25 -17.56 -14.53
N ALA B 145 16.99 -16.89 -15.39
CA ALA B 145 17.17 -17.28 -16.78
C ALA B 145 18.25 -16.40 -17.36
N LYS B 146 19.27 -16.99 -17.98
CA LYS B 146 20.25 -16.21 -18.71
C LYS B 146 19.71 -15.95 -20.10
N VAL B 147 19.34 -14.69 -20.36
CA VAL B 147 19.05 -14.26 -21.71
C VAL B 147 20.30 -13.62 -22.28
N GLN B 148 20.63 -13.98 -23.52
CA GLN B 148 21.87 -13.54 -24.16
C GLN B 148 21.58 -13.11 -25.58
N TRP B 149 22.23 -12.03 -26.02
CA TRP B 149 22.05 -11.54 -27.37
C TRP B 149 23.22 -11.98 -28.26
N LYS B 150 22.93 -12.18 -29.55
CA LYS B 150 23.93 -12.54 -30.55
C LYS B 150 23.70 -11.74 -31.81
N VAL B 151 24.78 -11.23 -32.39
CA VAL B 151 24.75 -10.47 -33.64
C VAL B 151 25.75 -11.12 -34.57
N ASP B 152 25.25 -11.78 -35.62
CA ASP B 152 26.09 -12.59 -36.48
C ASP B 152 26.90 -13.58 -35.63
N ASN B 153 26.23 -14.11 -34.60
CA ASN B 153 26.71 -15.10 -33.65
C ASN B 153 27.78 -14.56 -32.70
N ALA B 154 27.93 -13.25 -32.62
CA ALA B 154 28.81 -12.64 -31.63
C ALA B 154 28.03 -12.32 -30.37
N LEU B 155 28.46 -12.90 -29.26
CA LEU B 155 27.85 -12.61 -27.97
C LEU B 155 28.07 -11.16 -27.59
N GLN B 156 27.09 -10.55 -26.92
CA GLN B 156 27.12 -9.14 -26.58
C GLN B 156 27.39 -8.96 -25.09
N SER B 157 27.79 -7.74 -24.73
CA SER B 157 28.16 -7.46 -23.34
C SER B 157 27.99 -5.99 -23.03
N GLY B 158 27.24 -5.68 -21.97
CA GLY B 158 27.11 -4.32 -21.48
C GLY B 158 26.21 -3.41 -22.29
N ASN B 159 25.47 -3.93 -23.26
CA ASN B 159 24.55 -3.14 -24.06
C ASN B 159 23.11 -3.60 -23.91
N SER B 160 22.85 -4.52 -22.99
CA SER B 160 21.52 -5.06 -22.75
C SER B 160 21.01 -4.57 -21.41
N GLN B 161 19.68 -4.61 -21.24
CA GLN B 161 19.06 -4.41 -19.94
C GLN B 161 17.76 -5.20 -19.89
N GLU B 162 17.46 -5.78 -18.73
CA GLU B 162 16.25 -6.57 -18.54
C GLU B 162 15.34 -5.90 -17.52
N SER B 163 14.06 -6.29 -17.55
CA SER B 163 13.17 -6.07 -16.43
C SER B 163 12.06 -7.12 -16.43
N VAL B 164 11.75 -7.68 -15.26
CA VAL B 164 10.70 -8.69 -15.15
C VAL B 164 9.50 -8.09 -14.44
N THR B 165 8.30 -8.49 -14.87
CA THR B 165 7.10 -8.18 -14.14
C THR B 165 7.09 -8.96 -12.81
N GLU B 166 6.14 -8.64 -11.95
CA GLU B 166 6.00 -9.51 -10.78
C GLU B 166 5.06 -10.66 -11.13
N GLN B 167 4.99 -11.63 -10.21
CA GLN B 167 4.27 -12.87 -10.47
C GLN B 167 2.83 -12.63 -10.87
N ASP B 168 2.36 -13.38 -11.87
CA ASP B 168 0.95 -13.32 -12.25
C ASP B 168 0.06 -13.79 -11.10
N SER B 169 -1.06 -13.09 -10.93
CA SER B 169 -1.88 -13.26 -9.74
C SER B 169 -2.57 -14.62 -9.65
N LYS B 170 -2.74 -15.31 -10.77
CA LYS B 170 -3.40 -16.61 -10.74
C LYS B 170 -2.50 -17.78 -11.11
N ASP B 171 -1.47 -17.59 -11.95
CA ASP B 171 -0.60 -18.70 -12.33
C ASP B 171 0.84 -18.59 -11.84
N SER B 172 1.23 -17.47 -11.23
CA SER B 172 2.53 -17.32 -10.57
C SER B 172 3.71 -17.28 -11.54
N THR B 173 3.52 -16.99 -12.83
CA THR B 173 4.65 -16.92 -13.74
C THR B 173 5.12 -15.48 -13.90
N TYR B 174 6.39 -15.34 -14.29
CA TYR B 174 7.02 -14.08 -14.61
C TYR B 174 6.99 -13.83 -16.11
N SER B 175 7.23 -12.57 -16.48
CA SER B 175 7.55 -12.22 -17.86
C SER B 175 8.77 -11.31 -17.88
N LEU B 176 9.62 -11.48 -18.89
CA LEU B 176 10.89 -10.78 -18.98
C LEU B 176 11.03 -10.12 -20.33
N SER B 177 11.62 -8.93 -20.34
CA SER B 177 12.05 -8.29 -21.57
C SER B 177 13.51 -7.89 -21.43
N SER B 178 14.27 -8.09 -22.51
CA SER B 178 15.67 -7.70 -22.64
C SER B 178 15.82 -6.82 -23.87
N THR B 179 16.30 -5.60 -23.69
CA THR B 179 16.47 -4.66 -24.79
C THR B 179 17.95 -4.54 -25.10
N LEU B 180 18.31 -4.87 -26.35
CA LEU B 180 19.64 -4.61 -26.86
C LEU B 180 19.68 -3.26 -27.56
N THR B 181 20.59 -2.39 -27.16
CA THR B 181 20.65 -1.03 -27.69
C THR B 181 21.88 -0.86 -28.58
N LEU B 182 21.66 -0.62 -29.87
CA LEU B 182 22.73 -0.34 -30.83
C LEU B 182 22.49 0.96 -31.59
N SER B 183 23.54 1.48 -32.21
CA SER B 183 23.36 2.63 -33.09
C SER B 183 22.90 2.15 -34.45
N LYS B 184 22.06 2.96 -35.10
CA LYS B 184 21.62 2.62 -36.45
C LYS B 184 22.82 2.26 -37.31
N ALA B 185 23.96 2.90 -37.05
CA ALA B 185 25.19 2.53 -37.73
C ALA B 185 25.46 1.03 -37.58
N ASP B 186 25.63 0.58 -36.34
CA ASP B 186 26.04 -0.81 -36.13
C ASP B 186 24.93 -1.79 -36.48
N TYR B 187 23.66 -1.43 -36.28
CA TYR B 187 22.57 -2.34 -36.62
C TYR B 187 22.60 -2.70 -38.11
N GLU B 188 22.87 -1.73 -38.98
CA GLU B 188 22.82 -1.98 -40.40
C GLU B 188 24.14 -2.51 -40.96
N LYS B 189 25.16 -2.68 -40.12
CA LYS B 189 26.37 -3.40 -40.49
C LYS B 189 26.30 -4.90 -40.21
N HIS B 190 25.15 -5.43 -39.75
CA HIS B 190 25.04 -6.84 -39.38
C HIS B 190 23.69 -7.38 -39.78
N LYS B 191 23.59 -8.71 -39.87
CA LYS B 191 22.45 -9.37 -40.50
C LYS B 191 21.58 -10.18 -39.55
N VAL B 192 22.16 -11.09 -38.78
CA VAL B 192 21.38 -12.01 -37.96
C VAL B 192 21.31 -11.48 -36.53
N TYR B 193 20.09 -11.33 -36.01
CA TYR B 193 19.89 -10.84 -34.66
C TYR B 193 19.16 -11.92 -33.89
N ALA B 194 19.77 -12.38 -32.79
CA ALA B 194 19.20 -13.48 -32.03
C ALA B 194 19.25 -13.19 -30.54
N CYS B 195 18.28 -13.73 -29.80
CA CYS B 195 18.33 -13.72 -28.35
C CYS B 195 18.11 -15.15 -27.88
N GLU B 196 18.99 -15.61 -26.99
CA GLU B 196 18.97 -16.98 -26.51
C GLU B 196 18.62 -16.99 -25.02
N VAL B 197 17.70 -17.87 -24.64
CA VAL B 197 17.26 -17.98 -23.27
C VAL B 197 17.57 -19.40 -22.79
N THR B 198 18.47 -19.50 -21.83
CA THR B 198 18.85 -20.78 -21.25
C THR B 198 18.22 -20.94 -19.88
N GLN B 199 17.45 -22.00 -19.70
CA GLN B 199 16.80 -22.34 -18.44
C GLN B 199 17.22 -23.78 -18.14
N GLY B 200 18.17 -23.96 -17.22
CA GLY B 200 18.59 -25.29 -16.82
C GLY B 200 19.14 -26.11 -17.99
N THR B 201 18.32 -27.05 -18.49
CA THR B 201 18.69 -28.05 -19.48
C THR B 201 18.19 -27.78 -20.87
N THR B 202 17.84 -26.55 -21.22
CA THR B 202 17.50 -26.19 -22.60
C THR B 202 17.85 -24.72 -22.84
N SER B 203 18.29 -24.41 -24.06
CA SER B 203 18.39 -23.05 -24.59
C SER B 203 17.54 -22.96 -25.84
N VAL B 204 16.74 -21.90 -25.91
CA VAL B 204 15.86 -21.64 -27.05
C VAL B 204 16.24 -20.30 -27.66
N THR B 205 16.50 -20.29 -28.97
CA THR B 205 16.92 -19.07 -29.65
C THR B 205 15.85 -18.66 -30.64
N LYS B 206 15.51 -17.37 -30.61
CA LYS B 206 14.65 -16.74 -31.59
C LYS B 206 15.50 -15.70 -32.30
N SER B 207 15.32 -15.57 -33.61
CA SER B 207 16.19 -14.71 -34.40
C SER B 207 15.41 -14.11 -35.57
N PHE B 208 15.97 -13.05 -36.15
CA PHE B 208 15.45 -12.51 -37.40
C PHE B 208 16.62 -12.05 -38.26
N ASN B 209 16.35 -11.88 -39.56
CA ASN B 209 17.32 -11.39 -40.52
C ASN B 209 16.91 -10.00 -40.98
N ARG B 210 17.82 -9.02 -40.82
CA ARG B 210 17.51 -7.62 -41.09
C ARG B 210 16.81 -7.42 -42.44
N GLY B 211 17.23 -8.13 -43.47
CA GLY B 211 16.36 -8.24 -44.62
C GLY B 211 15.30 -9.31 -44.42
N GLU B 212 14.19 -8.93 -43.80
CA GLU B 212 13.14 -9.91 -43.46
C GLU B 212 12.38 -10.34 -44.71
N GLU C 4 -18.45 6.49 1.74
CA GLU C 4 -17.25 5.67 1.84
C GLU C 4 -16.02 6.56 1.95
N VAL C 5 -15.08 6.15 2.77
CA VAL C 5 -13.91 6.96 3.08
C VAL C 5 -12.84 6.83 2.01
N GLN C 6 -12.13 7.94 1.76
CA GLN C 6 -11.06 8.00 0.79
C GLN C 6 -10.05 9.07 1.19
N LEU C 7 -8.77 8.83 0.89
CA LEU C 7 -7.67 9.78 1.09
C LEU C 7 -6.99 10.00 -0.25
N VAL C 8 -7.12 11.21 -0.81
CA VAL C 8 -6.63 11.53 -2.14
C VAL C 8 -5.43 12.47 -2.01
N GLU C 9 -4.36 12.16 -2.73
CA GLU C 9 -3.11 12.89 -2.60
C GLU C 9 -2.77 13.66 -3.87
N SER C 10 -2.11 14.79 -3.68
CA SER C 10 -1.66 15.61 -4.80
C SER C 10 -0.41 16.37 -4.38
N GLY C 11 0.26 16.93 -5.38
CA GLY C 11 1.37 17.81 -5.12
C GLY C 11 2.73 17.18 -5.25
N GLY C 12 2.82 15.95 -5.70
CA GLY C 12 4.10 15.38 -5.98
C GLY C 12 4.66 15.83 -7.31
N GLY C 13 5.92 15.50 -7.52
CA GLY C 13 6.55 15.81 -8.79
C GLY C 13 8.05 15.85 -8.63
N LEU C 14 8.70 16.46 -9.60
CA LEU C 14 10.14 16.60 -9.60
C LEU C 14 10.51 17.98 -9.05
N VAL C 15 11.64 18.05 -8.35
CA VAL C 15 12.14 19.29 -7.77
C VAL C 15 13.65 19.18 -7.64
N GLN C 16 14.33 20.31 -7.80
CA GLN C 16 15.77 20.35 -7.68
C GLN C 16 16.18 20.11 -6.22
N PRO C 17 17.35 19.51 -5.99
CA PRO C 17 17.88 19.42 -4.62
C PRO C 17 17.84 20.77 -3.91
N GLY C 18 17.57 20.73 -2.61
CA GLY C 18 17.45 21.94 -1.80
C GLY C 18 16.13 22.66 -1.94
N GLY C 19 15.38 22.43 -3.01
CA GLY C 19 14.06 22.99 -3.19
C GLY C 19 13.00 22.48 -2.22
N SER C 20 11.77 22.97 -2.39
CA SER C 20 10.68 22.71 -1.48
C SER C 20 9.45 22.27 -2.27
N LEU C 21 8.50 21.68 -1.56
CA LEU C 21 7.31 21.15 -2.20
C LEU C 21 6.31 20.80 -1.11
N ARG C 22 5.01 20.93 -1.41
CA ARG C 22 3.98 20.75 -0.39
C ARG C 22 2.91 19.76 -0.86
N LEU C 23 2.86 18.59 -0.22
CA LEU C 23 1.86 17.60 -0.57
C LEU C 23 0.54 17.83 0.18
N SER C 24 -0.54 17.37 -0.45
CA SER C 24 -1.85 17.44 0.14
C SER C 24 -2.46 16.05 0.26
N CYS C 25 -3.21 15.85 1.34
CA CYS C 25 -3.95 14.63 1.61
C CYS C 25 -5.40 15.06 1.84
N ALA C 26 -6.24 14.98 0.81
CA ALA C 26 -7.63 15.45 0.93
C ALA C 26 -8.51 14.29 1.36
N ALA C 27 -9.08 14.39 2.56
CA ALA C 27 -9.89 13.33 3.16
C ALA C 27 -11.37 13.53 2.88
N SER C 28 -12.11 12.43 2.85
CA SER C 28 -13.57 12.48 2.71
C SER C 28 -14.15 11.16 3.19
N GLY C 29 -15.40 11.22 3.65
CA GLY C 29 -16.12 10.03 4.08
C GLY C 29 -16.11 9.77 5.58
N PHE C 30 -15.63 10.70 6.38
CA PHE C 30 -15.55 10.54 7.83
C PHE C 30 -15.28 11.91 8.44
N ASN C 31 -15.62 12.07 9.72
CA ASN C 31 -15.34 13.33 10.40
C ASN C 31 -13.84 13.43 10.64
N PHE C 32 -13.22 14.42 10.00
CA PHE C 32 -11.77 14.55 9.95
C PHE C 32 -11.16 14.78 11.33
N SER C 33 -11.95 15.18 12.33
CA SER C 33 -11.43 15.58 13.63
C SER C 33 -11.18 14.42 14.56
N TYR C 34 -11.94 13.34 14.40
CA TYR C 34 -11.84 12.20 15.31
C TYR C 34 -10.69 11.28 14.95
N TYR C 35 -9.83 11.68 14.02
CA TYR C 35 -8.78 10.81 13.56
C TYR C 35 -7.46 11.57 13.44
N SER C 36 -6.41 10.81 13.19
CA SER C 36 -5.07 11.30 12.94
C SER C 36 -4.68 10.96 11.51
N ILE C 37 -3.82 11.79 10.91
CA ILE C 37 -3.32 11.58 9.55
C ILE C 37 -1.82 11.39 9.60
N HIS C 38 -1.33 10.34 8.95
CA HIS C 38 0.10 10.06 8.91
C HIS C 38 0.63 10.12 7.49
N TRP C 39 1.90 10.50 7.39
CA TRP C 39 2.68 10.40 6.16
C TRP C 39 3.74 9.31 6.33
N VAL C 40 3.76 8.39 5.36
CA VAL C 40 4.72 7.29 5.27
C VAL C 40 5.26 7.29 3.87
N ARG C 41 6.58 7.25 3.73
CA ARG C 41 7.18 7.31 2.39
C ARG C 41 7.95 6.04 2.11
N GLN C 42 8.30 5.86 0.83
CA GLN C 42 8.96 4.65 0.35
C GLN C 42 9.97 4.97 -0.75
N ALA C 43 11.25 4.90 -0.40
CA ALA C 43 12.28 5.11 -1.42
C ALA C 43 12.25 3.94 -2.39
N PRO C 44 12.68 4.16 -3.64
CA PRO C 44 12.44 3.14 -4.69
C PRO C 44 13.12 1.83 -4.36
N GLY C 45 12.30 0.78 -4.27
CA GLY C 45 12.80 -0.53 -3.88
C GLY C 45 13.33 -0.61 -2.46
N LYS C 46 12.71 0.13 -1.52
CA LYS C 46 13.08 0.07 -0.11
C LYS C 46 11.82 -0.02 0.72
N GLY C 47 11.98 -0.11 2.04
CA GLY C 47 10.86 -0.38 2.91
C GLY C 47 10.05 0.86 3.22
N LEU C 48 9.15 0.73 4.21
CA LEU C 48 8.29 1.84 4.58
C LEU C 48 8.99 2.67 5.65
N GLU C 49 8.94 4.00 5.51
CA GLU C 49 9.45 4.88 6.55
C GLU C 49 8.31 5.76 7.05
N TRP C 50 7.91 5.55 8.30
CA TRP C 50 7.01 6.50 8.91
C TRP C 50 7.74 7.81 9.12
N VAL C 51 7.02 8.92 8.95
CA VAL C 51 7.70 10.20 8.90
C VAL C 51 7.01 11.28 9.73
N ALA C 52 5.68 11.29 9.80
CA ALA C 52 4.98 12.38 10.47
C ALA C 52 3.52 12.00 10.71
N TYR C 53 2.89 12.69 11.67
CA TYR C 53 1.43 12.64 11.82
C TYR C 53 0.91 13.94 12.42
N ILE C 54 -0.40 14.16 12.25
CA ILE C 54 -1.12 15.24 12.93
C ILE C 54 -2.51 14.78 13.34
N SER C 55 -2.97 15.24 14.51
CA SER C 55 -4.39 15.19 14.89
C SER C 55 -4.84 16.63 15.04
N SER C 56 -5.62 17.11 14.06
CA SER C 56 -5.86 18.54 13.97
C SER C 56 -6.65 19.03 15.17
N SER C 57 -7.64 18.25 15.62
CA SER C 57 -8.59 18.71 16.63
C SER C 57 -7.92 18.95 17.98
N SER C 58 -6.75 18.31 18.21
CA SER C 58 -5.91 18.60 19.36
C SER C 58 -4.56 19.14 18.94
N SER C 59 -4.37 19.40 17.64
CA SER C 59 -3.11 19.86 17.05
C SER C 59 -1.90 19.21 17.70
N TYR C 60 -1.97 17.89 17.84
CA TYR C 60 -0.78 17.08 18.09
C TYR C 60 -0.04 16.89 16.77
N THR C 61 1.28 17.01 16.81
CA THR C 61 2.13 16.69 15.68
C THR C 61 3.38 15.99 16.21
N SER C 62 3.95 15.11 15.39
CA SER C 62 5.19 14.45 15.74
C SER C 62 5.94 14.15 14.45
N TYR C 63 7.26 13.96 14.56
CA TYR C 63 8.15 13.89 13.40
C TYR C 63 9.23 12.84 13.60
N ALA C 64 9.40 11.98 12.60
CA ALA C 64 10.55 11.08 12.57
C ALA C 64 11.84 11.89 12.52
N ASP C 65 12.92 11.25 12.99
CA ASP C 65 14.18 11.97 13.09
C ASP C 65 14.74 12.33 11.72
N SER C 66 14.57 11.46 10.73
CA SER C 66 15.21 11.59 9.43
C SER C 66 14.76 12.83 8.66
N VAL C 67 13.78 13.56 9.23
CA VAL C 67 13.14 14.70 8.59
C VAL C 67 12.68 15.59 9.73
N LYS C 68 13.45 15.54 10.84
CA LYS C 68 13.52 16.45 11.98
C LYS C 68 13.29 17.96 11.83
N GLY C 69 13.99 18.61 10.91
CA GLY C 69 13.85 20.05 10.84
C GLY C 69 13.32 20.57 9.53
N ARG C 70 13.29 19.71 8.51
CA ARG C 70 12.94 20.11 7.15
C ARG C 70 11.46 20.00 6.84
N PHE C 71 10.75 19.07 7.46
CA PHE C 71 9.36 18.82 7.12
C PHE C 71 8.43 19.40 8.19
N THR C 72 7.29 19.93 7.73
CA THR C 72 6.28 20.47 8.63
C THR C 72 4.92 19.96 8.19
N ILE C 73 4.18 19.34 9.11
CA ILE C 73 2.85 18.82 8.83
C ILE C 73 1.85 19.78 9.44
N SER C 74 0.74 19.96 8.74
CA SER C 74 -0.29 20.88 9.18
C SER C 74 -1.61 20.36 8.65
N ALA C 75 -2.68 21.04 8.99
CA ALA C 75 -3.98 20.53 8.59
C ALA C 75 -4.95 21.68 8.52
N ASP C 76 -6.02 21.49 7.74
CA ASP C 76 -7.04 22.51 7.52
C ASP C 76 -8.37 21.80 7.68
N THR C 77 -8.87 21.77 8.91
CA THR C 77 -10.14 21.07 9.18
C THR C 77 -11.27 21.63 8.32
N SER C 78 -11.21 22.92 7.97
CA SER C 78 -12.22 23.50 7.10
C SER C 78 -12.38 22.70 5.82
N LYS C 79 -11.27 22.40 5.15
CA LYS C 79 -11.31 21.65 3.89
C LYS C 79 -10.86 20.19 4.02
N ASN C 80 -10.70 19.66 5.23
CA ASN C 80 -10.49 18.22 5.44
C ASN C 80 -9.22 17.72 4.76
N THR C 81 -8.14 18.47 4.94
CA THR C 81 -6.90 18.21 4.21
C THR C 81 -5.72 18.35 5.15
N ALA C 82 -4.76 17.45 5.03
CA ALA C 82 -3.49 17.56 5.73
C ALA C 82 -2.38 17.86 4.73
N TYR C 83 -1.34 18.55 5.20
CA TYR C 83 -0.25 18.93 4.31
C TYR C 83 1.09 18.48 4.86
N LEU C 84 1.95 18.04 3.96
CA LEU C 84 3.36 17.87 4.27
C LEU C 84 4.13 18.93 3.49
N GLN C 85 4.64 19.93 4.20
CA GLN C 85 5.54 20.90 3.62
C GLN C 85 6.96 20.40 3.81
N MET C 86 7.66 20.15 2.70
CA MET C 86 9.02 19.64 2.72
C MET C 86 9.98 20.72 2.21
N ASN C 87 10.99 21.03 3.01
CA ASN C 87 12.03 21.98 2.64
C ASN C 87 13.38 21.26 2.58
N SER C 88 14.32 21.91 1.89
CA SER C 88 15.71 21.46 1.88
C SER C 88 15.83 20.02 1.34
N LEU C 89 15.12 19.76 0.24
CA LEU C 89 14.97 18.40 -0.24
C LEU C 89 16.28 17.84 -0.81
N ARG C 90 16.65 16.64 -0.37
CA ARG C 90 17.81 15.91 -0.89
C ARG C 90 17.35 14.74 -1.74
N ALA C 91 18.30 14.08 -2.39
CA ALA C 91 17.99 12.92 -3.20
C ALA C 91 17.47 11.78 -2.34
N GLU C 92 17.91 11.73 -1.08
CA GLU C 92 17.43 10.73 -0.14
C GLU C 92 15.94 10.87 0.14
N ASP C 93 15.34 12.00 -0.19
CA ASP C 93 13.91 12.20 0.02
C ASP C 93 13.07 11.72 -1.16
N THR C 94 13.70 11.23 -2.23
CA THR C 94 12.96 10.69 -3.36
C THR C 94 12.18 9.46 -2.90
N ALA C 95 10.86 9.52 -3.05
CA ALA C 95 10.03 8.39 -2.63
C ALA C 95 8.61 8.60 -3.14
N VAL C 96 7.87 7.51 -3.14
CA VAL C 96 6.42 7.59 -3.09
C VAL C 96 6.02 8.01 -1.68
N TYR C 97 5.17 9.03 -1.58
CA TYR C 97 4.72 9.55 -0.30
C TYR C 97 3.25 9.19 -0.15
N TYR C 98 2.96 8.34 0.86
CA TYR C 98 1.61 7.89 1.19
C TYR C 98 1.10 8.62 2.43
N CYS C 99 -0.20 8.92 2.43
CA CYS C 99 -0.82 9.36 3.66
C CYS C 99 -1.80 8.28 4.14
N ALA C 100 -2.13 8.33 5.45
CA ALA C 100 -2.92 7.25 6.03
C ALA C 100 -3.58 7.69 7.34
N ARG C 101 -4.64 6.98 7.70
CA ARG C 101 -5.48 7.33 8.84
C ARG C 101 -5.15 6.45 10.04
N GLY C 102 -5.10 7.07 11.21
CA GLY C 102 -5.08 6.35 12.47
C GLY C 102 -6.10 6.90 13.45
N TYR C 103 -6.07 6.36 14.67
CA TYR C 103 -6.88 6.90 15.75
C TYR C 103 -6.36 8.27 16.13
N GLN C 104 -7.28 9.17 16.53
CA GLN C 104 -6.87 10.47 17.04
C GLN C 104 -5.86 10.33 18.16
N TYR C 105 -6.21 9.58 19.21
CA TYR C 105 -5.34 9.50 20.37
C TYR C 105 -4.49 8.22 20.36
N TRP C 106 -3.92 7.87 19.20
CA TRP C 106 -3.17 6.62 19.07
C TRP C 106 -2.00 6.54 20.04
N GLN C 107 -1.28 7.65 20.23
CA GLN C 107 -0.16 7.59 21.16
C GLN C 107 -0.64 7.29 22.57
N TYR C 108 -1.72 7.95 23.01
CA TYR C 108 -2.28 7.68 24.33
C TYR C 108 -2.66 6.21 24.48
N HIS C 109 -3.19 5.61 23.41
CA HIS C 109 -3.69 4.23 23.48
C HIS C 109 -2.59 3.19 23.43
N ALA C 110 -1.46 3.50 22.81
CA ALA C 110 -0.44 2.49 22.54
C ALA C 110 -0.04 1.75 23.81
N SER C 111 0.06 0.43 23.70
CA SER C 111 0.48 -0.40 24.82
C SER C 111 0.94 -1.74 24.29
N TRP C 112 1.33 -2.63 25.21
CA TRP C 112 1.75 -3.97 24.84
C TRP C 112 0.61 -4.80 24.22
N TYR C 113 -0.65 -4.42 24.45
CA TYR C 113 -1.77 -5.21 23.97
C TYR C 113 -2.63 -4.49 22.95
N TRP C 114 -2.44 -3.18 22.77
CA TRP C 114 -3.23 -2.44 21.79
C TRP C 114 -2.32 -1.73 20.79
N ASN C 115 -2.71 -1.82 19.51
CA ASN C 115 -2.14 -0.97 18.45
C ASN C 115 -3.13 -1.03 17.29
N GLY C 116 -3.89 0.05 17.10
CA GLY C 116 -4.92 0.03 16.08
C GLY C 116 -4.42 0.16 14.67
N GLY C 117 -3.12 0.35 14.49
CA GLY C 117 -2.56 0.53 13.16
C GLY C 117 -3.16 1.66 12.35
N LEU C 118 -3.00 1.57 11.03
CA LEU C 118 -3.43 2.57 10.06
C LEU C 118 -4.31 1.87 9.02
N ASP C 119 -5.58 2.26 8.96
CA ASP C 119 -6.56 1.41 8.30
C ASP C 119 -6.79 1.77 6.84
N TYR C 120 -6.85 3.06 6.51
CA TYR C 120 -7.03 3.51 5.14
C TYR C 120 -5.78 4.25 4.70
N TRP C 121 -5.42 4.07 3.43
CA TRP C 121 -4.25 4.74 2.88
C TRP C 121 -4.65 5.43 1.58
N GLY C 122 -3.92 6.51 1.27
CA GLY C 122 -4.00 7.11 -0.04
C GLY C 122 -3.20 6.33 -1.08
N GLN C 123 -3.26 6.80 -2.32
CA GLN C 123 -2.68 6.07 -3.45
C GLN C 123 -1.18 6.31 -3.58
N GLY C 124 -0.64 7.29 -2.90
CA GLY C 124 0.77 7.59 -3.12
C GLY C 124 0.94 8.65 -4.18
N THR C 125 1.92 9.52 -3.98
CA THR C 125 2.33 10.49 -4.97
C THR C 125 3.85 10.48 -5.00
N LEU C 126 4.42 10.38 -6.19
CA LEU C 126 5.87 10.25 -6.33
C LEU C 126 6.49 11.62 -6.34
N VAL C 127 7.45 11.85 -5.46
CA VAL C 127 8.28 13.05 -5.54
C VAL C 127 9.70 12.59 -5.84
N THR C 128 10.24 13.07 -6.95
CA THR C 128 11.60 12.73 -7.37
C THR C 128 12.44 14.00 -7.28
N VAL C 129 13.62 13.90 -6.66
CA VAL C 129 14.48 15.04 -6.39
C VAL C 129 15.73 14.89 -7.24
N SER C 130 15.86 15.69 -8.29
CA SER C 130 17.07 15.63 -9.10
C SER C 130 17.24 16.93 -9.87
N SER C 131 18.46 17.10 -10.43
CA SER C 131 18.74 18.22 -11.33
C SER C 131 18.21 17.99 -12.74
N ALA C 132 18.11 16.74 -13.19
CA ALA C 132 17.62 16.43 -14.53
C ALA C 132 16.31 17.12 -14.83
N SER C 133 15.96 17.23 -16.12
CA SER C 133 14.81 18.02 -16.56
C SER C 133 13.81 17.12 -17.29
N THR C 134 12.57 17.60 -17.35
CA THR C 134 11.43 16.81 -17.79
C THR C 134 11.46 16.59 -19.31
N LYS C 135 11.46 15.33 -19.73
CA LYS C 135 11.41 14.96 -21.14
C LYS C 135 10.34 13.89 -21.35
N GLY C 136 9.49 14.10 -22.37
CA GLY C 136 8.43 13.18 -22.70
C GLY C 136 8.92 12.06 -23.60
N PRO C 137 8.23 10.91 -23.56
CA PRO C 137 8.74 9.71 -24.20
C PRO C 137 8.57 9.71 -25.72
N SER C 138 9.35 8.87 -26.37
CA SER C 138 9.03 8.47 -27.74
C SER C 138 8.47 7.07 -27.70
N VAL C 139 7.53 6.80 -28.61
CA VAL C 139 6.79 5.55 -28.63
C VAL C 139 6.93 4.95 -30.02
N PHE C 140 7.64 3.83 -30.12
CA PHE C 140 7.77 3.03 -31.31
C PHE C 140 7.05 1.69 -31.15
N PRO C 141 6.44 1.17 -32.21
CA PRO C 141 5.74 -0.11 -32.10
C PRO C 141 6.72 -1.26 -32.00
N LEU C 142 6.23 -2.36 -31.39
CA LEU C 142 6.82 -3.69 -31.51
C LEU C 142 5.84 -4.49 -32.35
N ALA C 143 6.14 -4.60 -33.65
CA ALA C 143 5.11 -5.04 -34.57
C ALA C 143 5.01 -6.57 -34.59
N PRO C 144 3.82 -7.09 -34.87
CA PRO C 144 3.58 -8.53 -34.75
C PRO C 144 4.06 -9.35 -35.94
N SER C 145 4.45 -10.60 -35.64
CA SER C 145 4.96 -11.54 -36.64
C SER C 145 3.82 -12.14 -37.46
N GLY C 152 0.45 -19.44 -34.38
CA GLY C 152 -0.43 -19.79 -33.28
C GLY C 152 -1.06 -18.58 -32.61
N THR C 153 -0.26 -17.84 -31.85
CA THR C 153 -0.71 -16.61 -31.23
C THR C 153 0.37 -15.55 -31.40
N ALA C 154 -0.06 -14.34 -31.72
CA ALA C 154 0.85 -13.25 -32.04
C ALA C 154 1.10 -12.39 -30.81
N ALA C 155 2.29 -11.80 -30.77
CA ALA C 155 2.68 -10.92 -29.66
C ALA C 155 3.13 -9.59 -30.24
N LEU C 156 2.53 -8.51 -29.75
CA LEU C 156 2.85 -7.17 -30.20
C LEU C 156 3.02 -6.28 -28.98
N GLY C 157 3.53 -5.07 -29.20
CA GLY C 157 3.85 -4.21 -28.08
C GLY C 157 4.16 -2.79 -28.50
N CYS C 158 4.75 -2.06 -27.55
CA CYS C 158 5.05 -0.64 -27.67
C CYS C 158 6.30 -0.39 -26.84
N LEU C 159 7.29 0.27 -27.44
CA LEU C 159 8.49 0.65 -26.73
C LEU C 159 8.34 2.11 -26.33
N VAL C 160 8.61 2.40 -25.06
CA VAL C 160 8.44 3.74 -24.51
C VAL C 160 9.83 4.16 -24.04
N LYS C 161 10.49 5.00 -24.83
CA LYS C 161 11.92 5.21 -24.71
C LYS C 161 12.18 6.66 -24.31
N ASP C 162 13.23 6.84 -23.49
CA ASP C 162 13.84 8.14 -23.22
C ASP C 162 12.80 9.17 -22.74
N TYR C 163 12.33 8.95 -21.51
CA TYR C 163 11.46 9.90 -20.84
C TYR C 163 11.95 10.11 -19.42
N PHE C 164 11.45 11.19 -18.81
CA PHE C 164 11.83 11.61 -17.48
C PHE C 164 10.89 12.71 -17.04
N PRO C 165 10.33 12.63 -15.83
CA PRO C 165 10.67 11.61 -14.83
C PRO C 165 9.67 10.47 -14.85
N GLU C 166 9.77 9.53 -13.90
CA GLU C 166 8.69 8.57 -13.70
C GLU C 166 7.46 9.35 -13.21
N PRO C 167 6.25 8.84 -13.46
CA PRO C 167 5.95 7.55 -14.09
C PRO C 167 5.24 7.68 -15.43
N VAL C 168 5.12 6.53 -16.10
CA VAL C 168 4.33 6.41 -17.30
C VAL C 168 3.34 5.29 -17.09
N THR C 169 2.13 5.45 -17.62
CA THR C 169 1.12 4.40 -17.59
C THR C 169 0.76 4.00 -19.03
N VAL C 170 0.70 2.70 -19.27
CA VAL C 170 0.28 2.17 -20.56
C VAL C 170 -1.03 1.43 -20.37
N SER C 171 -1.88 1.56 -21.39
CA SER C 171 -3.07 0.75 -21.53
C SER C 171 -3.21 0.35 -22.99
N TRP C 172 -4.19 -0.51 -23.27
CA TRP C 172 -4.40 -0.99 -24.62
C TRP C 172 -5.86 -0.82 -25.00
N ASN C 173 -6.09 -0.27 -26.20
CA ASN C 173 -7.43 0.02 -26.69
C ASN C 173 -8.24 0.76 -25.64
N SER C 174 -7.59 1.78 -25.05
CA SER C 174 -8.10 2.59 -23.95
C SER C 174 -8.86 1.75 -22.94
N GLY C 175 -8.13 0.77 -22.38
CA GLY C 175 -8.63 -0.08 -21.33
C GLY C 175 -9.41 -1.28 -21.79
N ALA C 176 -9.92 -1.27 -23.03
CA ALA C 176 -10.72 -2.37 -23.55
C ALA C 176 -9.93 -3.65 -23.75
N LEU C 177 -8.60 -3.61 -23.69
CA LEU C 177 -7.80 -4.82 -23.84
C LEU C 177 -6.97 -4.97 -22.57
N THR C 178 -7.51 -5.76 -21.64
CA THR C 178 -6.92 -5.98 -20.33
C THR C 178 -6.05 -7.22 -20.27
N SER C 179 -6.33 -8.22 -21.11
CA SER C 179 -5.91 -9.59 -20.88
C SER C 179 -4.75 -9.97 -21.80
N GLY C 180 -3.72 -10.59 -21.23
CA GLY C 180 -2.48 -10.84 -21.92
C GLY C 180 -1.52 -9.66 -21.97
N VAL C 181 -1.76 -8.61 -21.20
CA VAL C 181 -0.91 -7.43 -21.18
C VAL C 181 0.17 -7.57 -20.12
N HIS C 182 1.41 -7.31 -20.51
CA HIS C 182 2.52 -7.17 -19.58
C HIS C 182 3.16 -5.81 -19.80
N THR C 183 3.13 -4.97 -18.78
CA THR C 183 3.84 -3.71 -18.81
C THR C 183 5.02 -3.80 -17.86
N PHE C 184 6.20 -3.64 -18.41
CA PHE C 184 7.33 -3.97 -17.58
C PHE C 184 7.77 -2.77 -16.75
N PRO C 185 8.43 -3.04 -15.64
CA PRO C 185 9.10 -1.96 -14.91
C PRO C 185 10.07 -1.23 -15.84
N ALA C 186 9.98 0.10 -15.83
CA ALA C 186 10.93 0.90 -16.59
C ALA C 186 12.32 0.72 -16.03
N VAL C 187 13.31 0.85 -16.90
CA VAL C 187 14.70 0.70 -16.51
C VAL C 187 15.43 2.00 -16.78
N LEU C 188 16.44 2.28 -15.96
CA LEU C 188 17.20 3.51 -16.11
C LEU C 188 18.39 3.23 -17.03
N GLN C 189 18.40 3.90 -18.18
CA GLN C 189 19.49 3.79 -19.12
C GLN C 189 20.63 4.73 -18.71
N SER C 190 21.80 4.50 -19.32
CA SER C 190 23.00 5.27 -19.00
C SER C 190 22.89 6.72 -19.44
N SER C 191 21.87 7.07 -20.23
CA SER C 191 21.54 8.46 -20.53
C SER C 191 20.79 9.15 -19.40
N GLY C 192 20.52 8.46 -18.30
CA GLY C 192 19.74 9.06 -17.24
C GLY C 192 18.26 9.20 -17.55
N LEU C 193 17.79 8.66 -18.66
CA LEU C 193 16.37 8.61 -18.97
C LEU C 193 15.84 7.18 -18.83
N TYR C 194 14.52 7.07 -18.74
CA TYR C 194 13.85 5.82 -18.46
C TYR C 194 13.31 5.20 -19.74
N SER C 195 13.21 3.86 -19.73
CA SER C 195 12.68 3.14 -20.88
C SER C 195 11.91 1.93 -20.38
N LEU C 196 10.74 1.69 -20.96
CA LEU C 196 10.01 0.47 -20.67
C LEU C 196 9.27 0.02 -21.92
N SER C 197 8.75 -1.21 -21.85
CA SER C 197 8.00 -1.78 -22.94
C SER C 197 6.70 -2.35 -22.39
N SER C 198 5.68 -2.37 -23.23
CA SER C 198 4.41 -2.97 -22.86
C SER C 198 3.98 -3.83 -24.03
N VAL C 199 3.57 -5.08 -23.75
CA VAL C 199 3.36 -6.09 -24.77
C VAL C 199 2.06 -6.86 -24.53
N VAL C 200 1.47 -7.34 -25.62
CA VAL C 200 0.24 -8.11 -25.55
C VAL C 200 0.34 -9.30 -26.51
N THR C 201 -0.24 -10.41 -26.12
CA THR C 201 -0.47 -11.55 -27.00
C THR C 201 -1.95 -11.66 -27.34
N VAL C 202 -2.21 -12.07 -28.56
CA VAL C 202 -3.57 -12.12 -29.12
C VAL C 202 -3.63 -13.32 -30.07
N PRO C 203 -4.81 -13.72 -30.51
CA PRO C 203 -4.90 -14.63 -31.66
C PRO C 203 -4.23 -14.03 -32.89
N SER C 204 -3.35 -14.81 -33.53
CA SER C 204 -2.86 -14.42 -34.84
C SER C 204 -4.00 -14.37 -35.85
N SER C 205 -5.13 -14.99 -35.50
CA SER C 205 -6.37 -15.00 -36.25
C SER C 205 -7.07 -13.65 -36.23
N SER C 206 -6.52 -12.66 -35.53
CA SER C 206 -7.19 -11.39 -35.32
C SER C 206 -6.46 -10.19 -35.88
N LEU C 207 -5.16 -10.32 -36.20
CA LEU C 207 -4.40 -9.18 -36.70
C LEU C 207 -5.01 -8.59 -37.97
N GLY C 208 -5.68 -9.42 -38.77
CA GLY C 208 -6.28 -8.92 -39.99
C GLY C 208 -7.48 -8.02 -39.74
N THR C 209 -8.17 -8.23 -38.62
CA THR C 209 -9.43 -7.55 -38.33
C THR C 209 -9.35 -6.59 -37.16
N GLN C 210 -8.54 -6.92 -36.15
CA GLN C 210 -8.50 -6.21 -34.89
C GLN C 210 -7.40 -5.16 -34.93
N THR C 211 -7.76 -3.90 -34.71
CA THR C 211 -6.74 -2.87 -34.59
C THR C 211 -6.39 -2.68 -33.12
N TYR C 212 -5.10 -2.59 -32.84
CA TYR C 212 -4.56 -2.50 -31.48
C TYR C 212 -3.84 -1.17 -31.32
N ILE C 213 -4.38 -0.29 -30.48
CA ILE C 213 -3.71 0.96 -30.11
C ILE C 213 -3.19 0.80 -28.70
N CYS C 214 -1.97 1.27 -28.46
CA CYS C 214 -1.46 1.39 -27.10
C CYS C 214 -1.52 2.86 -26.68
N ASN C 215 -1.92 3.11 -25.43
CA ASN C 215 -2.21 4.46 -24.94
C ASN C 215 -1.24 4.79 -23.82
N VAL C 216 -0.28 5.66 -24.13
CA VAL C 216 0.83 5.95 -23.25
C VAL C 216 0.60 7.31 -22.62
N ASN C 217 0.47 7.36 -21.30
CA ASN C 217 0.29 8.63 -20.63
C ASN C 217 1.54 8.96 -19.82
N HIS C 218 1.97 10.23 -19.91
CA HIS C 218 3.15 10.69 -19.18
C HIS C 218 2.73 12.02 -18.55
N LYS C 219 1.98 11.90 -17.45
CA LYS C 219 1.50 13.08 -16.77
C LYS C 219 2.61 14.05 -16.36
N PRO C 220 3.82 13.63 -15.97
CA PRO C 220 4.83 14.63 -15.56
C PRO C 220 5.22 15.61 -16.66
N SER C 221 4.88 15.32 -17.92
CA SER C 221 5.11 16.25 -19.03
C SER C 221 3.83 16.54 -19.82
N ASN C 222 2.67 16.17 -19.29
CA ASN C 222 1.37 16.50 -19.90
C ASN C 222 1.28 16.00 -21.34
N THR C 223 1.72 14.77 -21.54
CA THR C 223 1.80 14.20 -22.88
C THR C 223 1.13 12.84 -22.87
N LYS C 224 0.28 12.57 -23.86
CA LYS C 224 -0.19 11.21 -24.05
C LYS C 224 -0.16 10.84 -25.54
N VAL C 225 0.56 9.76 -25.84
CA VAL C 225 0.75 9.26 -27.20
C VAL C 225 -0.11 8.02 -27.38
N ASP C 226 -0.94 8.02 -28.41
CA ASP C 226 -1.68 6.84 -28.84
C ASP C 226 -1.08 6.38 -30.16
N LYS C 227 -0.77 5.09 -30.25
CA LYS C 227 -0.04 4.50 -31.37
C LYS C 227 -0.71 3.17 -31.71
N LYS C 228 -1.33 3.02 -32.89
CA LYS C 228 -1.63 1.64 -33.29
C LYS C 228 -0.38 0.94 -33.74
N VAL C 229 -0.46 -0.37 -33.59
CA VAL C 229 0.56 -1.30 -33.97
C VAL C 229 -0.07 -2.20 -35.01
N GLU C 230 0.48 -2.17 -36.22
CA GLU C 230 0.06 -2.97 -37.35
C GLU C 230 1.15 -3.99 -37.65
N PRO C 231 0.85 -5.03 -38.42
CA PRO C 231 1.88 -6.03 -38.74
C PRO C 231 2.74 -5.53 -39.88
N LYS C 232 4.05 -5.70 -39.76
CA LYS C 232 4.94 -5.34 -40.86
C LYS C 232 4.80 -6.34 -42.00
N SER C 233 4.84 -5.84 -43.24
CA SER C 233 4.69 -6.69 -44.42
C SER C 233 6.02 -6.93 -45.13
#